data_8QF3
#
_entry.id   8QF3
#
_cell.length_a   57.170
_cell.length_b   57.170
_cell.length_c   145.640
_cell.angle_alpha   90.000
_cell.angle_beta   90.000
_cell.angle_gamma   90.000
#
_symmetry.space_group_name_H-M   'P 43 21 2'
#
loop_
_entity.id
_entity.type
_entity.pdbx_description
1 polymer 'Nanobody H11'
2 water water
#
_entity_poly.entity_id   1
_entity_poly.type   'polypeptide(L)'
_entity_poly.pdbx_seq_one_letter_code
;GSEVQLLESGGGLVQAGDSLRLSCAASGRTFSAYAMGWFRQAPGKEREFVAAISWSGNSTYYADSVKGRFTISRDNAKNT
VYLQMNSLKPEDTAIYYCAARKPMYRVDISKGQNYDYWGQGTQVTVSS
;
_entity_poly.pdbx_strand_id   E,A
#
# COMPACT_ATOMS: atom_id res chain seq x y z
N SER A 2 -25.56 -4.37 16.61
CA SER A 2 -24.26 -4.80 16.11
C SER A 2 -23.10 -4.30 16.98
N GLU A 3 -21.97 -5.02 16.93
CA GLU A 3 -20.77 -4.55 17.61
C GLU A 3 -20.27 -3.26 16.98
N VAL A 4 -20.37 -3.15 15.66
CA VAL A 4 -19.77 -2.02 14.95
C VAL A 4 -20.60 -1.75 13.72
N GLN A 5 -20.85 -0.47 13.44
CA GLN A 5 -21.50 -0.06 12.22
C GLN A 5 -20.56 0.81 11.40
N LEU A 6 -20.63 0.62 10.11
CA LEU A 6 -19.71 1.23 9.18
C LEU A 6 -20.50 2.13 8.24
N LEU A 7 -19.92 3.25 7.87
CA LEU A 7 -20.56 4.18 6.97
C LEU A 7 -19.54 4.79 6.03
N GLU A 8 -19.70 4.51 4.74
CA GLU A 8 -18.75 4.94 3.72
C GLU A 8 -19.17 6.29 3.17
N SER A 9 -18.21 7.06 2.66
CA SER A 9 -18.49 8.33 1.99
C SER A 9 -17.44 8.59 0.92
N GLY A 10 -17.63 9.67 0.15
CA GLY A 10 -16.73 10.07 -0.92
C GLY A 10 -17.13 9.65 -2.31
N GLY A 11 -18.13 8.79 -2.49
CA GLY A 11 -18.51 8.43 -3.83
C GLY A 11 -18.98 9.63 -4.61
N GLY A 12 -19.11 9.44 -5.91
CA GLY A 12 -19.62 10.45 -6.80
C GLY A 12 -19.27 10.10 -8.22
N LEU A 13 -19.50 11.07 -9.11
CA LEU A 13 -19.32 10.90 -10.54
C LEU A 13 -18.00 11.58 -10.90
N VAL A 14 -17.14 10.83 -11.59
CA VAL A 14 -15.82 11.29 -11.96
C VAL A 14 -15.54 10.92 -13.41
N GLN A 15 -14.57 11.62 -13.99
CA GLN A 15 -14.15 11.34 -15.34
C GLN A 15 -13.04 10.31 -15.31
N ALA A 16 -13.03 9.46 -16.32
CA ALA A 16 -11.94 8.53 -16.51
C ALA A 16 -10.60 9.24 -16.40
N GLY A 17 -9.74 8.68 -15.55
CA GLY A 17 -8.40 9.18 -15.34
C GLY A 17 -8.27 10.03 -14.11
N ASP A 18 -9.41 10.39 -13.50
CA ASP A 18 -9.40 11.15 -12.28
C ASP A 18 -9.09 10.20 -11.14
N SER A 19 -8.87 10.80 -9.98
CA SER A 19 -8.72 10.06 -8.75
C SER A 19 -9.87 10.43 -7.81
N LEU A 20 -9.99 9.63 -6.76
CA LEU A 20 -11.01 9.79 -5.73
C LEU A 20 -10.50 9.05 -4.52
N ARG A 21 -10.70 9.62 -3.32
CA ARG A 21 -10.46 8.92 -2.07
C ARG A 21 -11.77 8.70 -1.35
N LEU A 22 -12.17 7.43 -1.17
CA LEU A 22 -13.26 7.07 -0.29
C LEU A 22 -12.81 6.92 1.16
N SER A 23 -13.77 7.09 2.07
CA SER A 23 -13.46 6.82 3.47
C SER A 23 -14.64 6.09 4.11
N CYS A 24 -14.35 5.44 5.22
CA CYS A 24 -15.35 4.66 5.98
C CYS A 24 -15.18 5.08 7.44
N ALA A 25 -16.29 5.41 8.08
CA ALA A 25 -16.31 5.77 9.48
C ALA A 25 -16.98 4.63 10.26
N ALA A 26 -16.71 4.59 11.55
CA ALA A 26 -17.21 3.52 12.37
C ALA A 26 -17.92 4.09 13.57
N SER A 27 -19.05 3.47 13.96
CA SER A 27 -19.64 3.76 15.27
C SER A 27 -19.84 2.43 16.00
N GLY A 28 -19.99 2.51 17.32
CA GLY A 28 -19.85 1.32 18.14
C GLY A 28 -18.38 1.07 18.34
N ARG A 29 -17.93 -0.19 18.16
CA ARG A 29 -16.51 -0.51 18.39
C ARG A 29 -15.66 0.23 17.35
N THR A 30 -14.45 0.65 17.75
CA THR A 30 -13.65 1.46 16.83
C THR A 30 -12.89 0.55 15.85
N PHE A 31 -12.43 1.13 14.70
CA PHE A 31 -11.79 0.34 13.67
C PHE A 31 -10.56 -0.40 14.22
N SER A 32 -9.86 0.16 15.25
CA SER A 32 -8.61 -0.43 15.73
C SER A 32 -8.72 -1.90 16.13
N ALA A 33 -9.94 -2.38 16.38
CA ALA A 33 -10.22 -3.75 16.81
C ALA A 33 -10.27 -4.78 15.67
N TYR A 34 -10.10 -4.32 14.40
CA TYR A 34 -10.46 -5.14 13.25
C TYR A 34 -9.43 -5.02 12.13
N ALA A 35 -9.41 -6.05 11.29
CA ALA A 35 -8.83 -5.94 9.93
C ALA A 35 -9.92 -5.54 8.98
N MET A 36 -9.56 -4.94 7.87
CA MET A 36 -10.54 -4.28 7.04
C MET A 36 -10.29 -4.59 5.57
N GLY A 37 -11.35 -4.49 4.79
CA GLY A 37 -11.25 -4.70 3.37
C GLY A 37 -12.26 -3.82 2.69
N TRP A 38 -12.00 -3.66 1.38
CA TRP A 38 -12.93 -3.03 0.47
C TRP A 38 -13.31 -3.98 -0.67
N PHE A 39 -14.62 -3.94 -0.97
CA PHE A 39 -15.25 -4.74 -1.99
C PHE A 39 -16.06 -3.80 -2.87
N ARG A 40 -16.47 -4.29 -4.02
CA ARG A 40 -17.33 -3.50 -4.88
C ARG A 40 -18.31 -4.42 -5.62
N GLN A 41 -19.44 -3.83 -6.00
CA GLN A 41 -20.42 -4.56 -6.79
C GLN A 41 -21.19 -3.64 -7.67
N ALA A 42 -21.31 -4.02 -8.91
CA ALA A 42 -22.15 -3.29 -9.83
C ALA A 42 -23.33 -4.16 -10.24
N PRO A 43 -24.45 -3.56 -10.67
CA PRO A 43 -25.61 -4.37 -11.07
C PRO A 43 -25.22 -5.40 -12.11
N GLY A 44 -25.77 -6.62 -11.96
CA GLY A 44 -25.50 -7.62 -12.96
C GLY A 44 -24.14 -8.26 -12.89
N LYS A 45 -23.30 -7.86 -11.92
CA LYS A 45 -21.98 -8.42 -11.76
C LYS A 45 -21.82 -8.95 -10.33
N GLU A 46 -20.97 -9.95 -10.19
CA GLU A 46 -20.68 -10.49 -8.86
C GLU A 46 -19.85 -9.50 -8.04
N ARG A 47 -20.04 -9.54 -6.74
CA ARG A 47 -19.21 -8.75 -5.85
C ARG A 47 -17.79 -9.16 -6.05
N GLU A 48 -16.89 -8.13 -6.08
CA GLU A 48 -15.47 -8.32 -6.29
C GLU A 48 -14.69 -7.79 -5.08
N PHE A 49 -13.74 -8.57 -4.65
CA PHE A 49 -12.74 -8.06 -3.71
C PHE A 49 -11.85 -6.99 -4.34
N VAL A 50 -11.61 -5.92 -3.60
CA VAL A 50 -10.73 -4.83 -4.07
C VAL A 50 -9.39 -4.82 -3.29
N ALA A 51 -9.44 -4.66 -1.99
CA ALA A 51 -8.20 -4.48 -1.19
C ALA A 51 -8.47 -4.89 0.23
N ALA A 52 -7.40 -5.32 0.91
CA ALA A 52 -7.46 -5.65 2.32
C ALA A 52 -6.27 -5.03 3.02
N ILE A 53 -6.48 -4.68 4.29
CA ILE A 53 -5.42 -4.18 5.19
C ILE A 53 -5.47 -4.98 6.44
N SER A 54 -4.31 -5.32 6.99
CA SER A 54 -4.24 -6.16 8.15
C SER A 54 -4.54 -5.35 9.41
N TRP A 55 -4.86 -6.13 10.45
CA TRP A 55 -5.22 -5.59 11.78
C TRP A 55 -4.24 -4.48 12.27
N SER A 56 -2.95 -4.70 12.08
CA SER A 56 -1.95 -3.76 12.59
C SER A 56 -1.63 -2.71 11.55
N GLY A 57 -2.08 -2.88 10.31
CA GLY A 57 -1.81 -1.95 9.24
C GLY A 57 -0.46 -2.15 8.56
N ASN A 58 0.21 -3.27 8.85
CA ASN A 58 1.53 -3.50 8.25
C ASN A 58 1.51 -4.28 6.95
N SER A 59 0.36 -4.82 6.52
CA SER A 59 0.28 -5.51 5.25
C SER A 59 -0.97 -5.07 4.51
N THR A 60 -0.85 -4.97 3.19
CA THR A 60 -1.96 -4.75 2.28
C THR A 60 -1.91 -5.77 1.16
N TYR A 61 -3.15 -6.04 0.62
CA TYR A 61 -3.33 -7.00 -0.47
C TYR A 61 -4.38 -6.46 -1.39
N TYR A 62 -4.11 -6.59 -2.71
CA TYR A 62 -4.98 -6.03 -3.73
C TYR A 62 -5.32 -7.01 -4.82
N ALA A 63 -6.58 -6.89 -5.30
CA ALA A 63 -6.98 -7.61 -6.50
C ALA A 63 -6.13 -7.20 -7.69
N ASP A 64 -5.98 -8.15 -8.63
CA ASP A 64 -5.20 -7.84 -9.83
C ASP A 64 -5.85 -6.71 -10.63
N SER A 65 -7.18 -6.56 -10.57
CA SER A 65 -7.89 -5.52 -11.31
C SER A 65 -7.52 -4.13 -10.85
N VAL A 66 -6.99 -3.97 -9.61
CA VAL A 66 -6.78 -2.63 -9.10
C VAL A 66 -5.36 -2.41 -8.57
N LYS A 67 -4.54 -3.45 -8.53
CA LYS A 67 -3.14 -3.27 -8.03
C LYS A 67 -2.37 -2.25 -8.85
N GLY A 68 -1.58 -1.47 -8.15
CA GLY A 68 -0.87 -0.37 -8.77
C GLY A 68 -1.67 0.89 -8.96
N ARG A 69 -3.01 0.85 -8.85
CA ARG A 69 -3.80 2.06 -8.97
C ARG A 69 -4.52 2.46 -7.69
N PHE A 70 -4.87 1.50 -6.84
CA PHE A 70 -5.60 1.79 -5.62
C PHE A 70 -4.73 1.55 -4.39
N THR A 71 -4.99 2.30 -3.31
CA THR A 71 -4.27 2.15 -2.06
C THR A 71 -5.27 2.12 -0.89
N ILE A 72 -5.13 1.13 -0.02
CA ILE A 72 -5.98 1.02 1.18
C ILE A 72 -5.11 1.45 2.35
N SER A 73 -5.68 2.22 3.26
CA SER A 73 -4.96 2.67 4.45
C SER A 73 -5.92 2.87 5.59
N ARG A 74 -5.35 2.96 6.79
CA ARG A 74 -6.15 3.12 7.99
C ARG A 74 -5.51 4.16 8.89
N ASP A 75 -6.37 4.86 9.63
CA ASP A 75 -5.99 5.90 10.59
C ASP A 75 -6.85 5.64 11.84
N ASN A 76 -6.30 4.80 12.70
CA ASN A 76 -7.04 4.44 13.91
C ASN A 76 -7.40 5.66 14.75
N ALA A 77 -6.44 6.56 14.98
CA ALA A 77 -6.66 7.77 15.77
C ALA A 77 -7.89 8.52 15.31
N LYS A 78 -8.11 8.59 14.01
CA LYS A 78 -9.30 9.23 13.45
C LYS A 78 -10.42 8.25 13.22
N ASN A 79 -10.19 6.99 13.54
CA ASN A 79 -11.20 5.95 13.39
C ASN A 79 -11.72 5.91 11.96
N THR A 80 -10.80 5.85 11.01
CA THR A 80 -11.16 5.91 9.61
C THR A 80 -10.31 4.92 8.81
N VAL A 81 -10.92 4.38 7.76
CA VAL A 81 -10.23 3.61 6.74
C VAL A 81 -10.49 4.28 5.40
N TYR A 82 -9.50 4.22 4.53
CA TYR A 82 -9.53 4.91 3.26
C TYR A 82 -9.25 3.95 2.11
N LEU A 83 -9.80 4.29 0.93
CA LEU A 83 -9.40 3.67 -0.32
C LEU A 83 -9.09 4.81 -1.30
N GLN A 84 -7.81 5.00 -1.67
CA GLN A 84 -7.43 6.01 -2.64
C GLN A 84 -7.48 5.35 -4.00
N MET A 85 -8.16 5.95 -4.97
CA MET A 85 -8.31 5.34 -6.28
C MET A 85 -7.77 6.31 -7.30
N ASN A 86 -6.66 5.94 -7.95
CA ASN A 86 -6.09 6.67 -9.05
C ASN A 86 -6.42 6.04 -10.38
N SER A 87 -6.27 6.84 -11.41
CA SER A 87 -6.38 6.37 -12.77
C SER A 87 -7.68 5.59 -13.01
N LEU A 88 -8.80 6.20 -12.66
CA LEU A 88 -10.10 5.50 -12.70
C LEU A 88 -10.57 5.20 -14.13
N LYS A 89 -11.25 4.08 -14.29
CA LYS A 89 -11.70 3.55 -15.56
C LYS A 89 -13.20 3.32 -15.44
N PRO A 90 -13.96 3.32 -16.54
CA PRO A 90 -15.39 3.02 -16.42
C PRO A 90 -15.67 1.66 -15.81
N GLU A 91 -14.77 0.70 -15.99
CA GLU A 91 -14.94 -0.63 -15.39
C GLU A 91 -14.88 -0.56 -13.87
N ASP A 92 -14.41 0.58 -13.34
CA ASP A 92 -14.40 0.75 -11.89
C ASP A 92 -15.77 1.16 -11.31
N THR A 93 -16.74 1.52 -12.13
CA THR A 93 -18.06 1.94 -11.65
C THR A 93 -18.69 0.83 -10.81
N ALA A 94 -19.12 1.19 -9.60
CA ALA A 94 -19.75 0.22 -8.71
C ALA A 94 -20.14 0.90 -7.42
N ILE A 95 -20.91 0.17 -6.57
CA ILE A 95 -21.05 0.53 -5.18
C ILE A 95 -19.87 -0.08 -4.44
N TYR A 96 -19.13 0.74 -3.69
CA TYR A 96 -17.97 0.31 -2.93
C TYR A 96 -18.37 0.17 -1.46
N TYR A 97 -18.01 -0.96 -0.89
CA TYR A 97 -18.36 -1.34 0.48
C TYR A 97 -17.09 -1.60 1.28
N CYS A 98 -17.10 -1.10 2.49
CA CYS A 98 -16.04 -1.35 3.45
C CYS A 98 -16.57 -2.42 4.39
N ALA A 99 -15.72 -3.40 4.67
CA ALA A 99 -16.00 -4.51 5.57
C ALA A 99 -14.96 -4.70 6.65
N ALA A 100 -15.37 -5.19 7.80
CA ALA A 100 -14.52 -5.44 8.97
C ALA A 100 -14.52 -6.92 9.28
N ARG A 101 -13.44 -7.43 9.79
CA ARG A 101 -13.25 -8.82 10.21
C ARG A 101 -12.52 -8.87 11.55
N LYS A 102 -12.97 -9.73 12.44
CA LYS A 102 -12.30 -9.93 13.74
C LYS A 102 -11.06 -10.72 13.40
N PRO A 103 -9.85 -10.21 13.75
CA PRO A 103 -8.59 -10.82 13.29
C PRO A 103 -8.07 -11.97 14.16
N MET A 104 -8.76 -13.11 14.12
CA MET A 104 -8.48 -14.20 15.05
C MET A 104 -7.79 -15.42 14.41
N TYR A 105 -8.02 -15.66 13.12
CA TYR A 105 -7.55 -16.86 12.49
C TYR A 105 -6.98 -16.53 11.13
N ARG A 106 -6.24 -17.48 10.56
CA ARG A 106 -5.76 -17.38 9.18
C ARG A 106 -6.91 -17.75 8.26
N VAL A 107 -7.31 -16.81 7.40
CA VAL A 107 -8.41 -17.03 6.46
C VAL A 107 -7.95 -16.40 5.14
N ASP A 108 -8.76 -16.63 4.08
CA ASP A 108 -8.54 -16.02 2.78
C ASP A 108 -9.09 -14.60 2.83
N ILE A 109 -8.19 -13.59 2.98
CA ILE A 109 -8.65 -12.23 3.16
C ILE A 109 -9.33 -11.62 1.93
N SER A 110 -9.29 -12.31 0.80
CA SER A 110 -9.95 -11.84 -0.42
C SER A 110 -11.39 -12.31 -0.56
N LYS A 111 -11.92 -13.05 0.42
CA LYS A 111 -13.28 -13.59 0.35
C LYS A 111 -14.23 -12.88 1.31
N GLY A 112 -15.28 -12.33 0.76
CA GLY A 112 -16.23 -11.56 1.52
C GLY A 112 -16.89 -12.38 2.59
N GLN A 113 -17.01 -13.71 2.35
CA GLN A 113 -17.59 -14.58 3.38
C GLN A 113 -16.81 -14.54 4.69
N ASN A 114 -15.51 -14.19 4.67
CA ASN A 114 -14.67 -14.13 5.89
C ASN A 114 -14.79 -12.84 6.63
N TYR A 115 -15.58 -11.91 6.19
CA TYR A 115 -15.79 -10.65 6.87
C TYR A 115 -17.04 -10.76 7.71
N ASP A 116 -17.11 -9.89 8.70
CA ASP A 116 -18.16 -10.02 9.71
C ASP A 116 -19.15 -8.86 9.67
N TYR A 117 -18.72 -7.66 9.30
CA TYR A 117 -19.48 -6.42 9.35
C TYR A 117 -19.32 -5.63 8.06
N TRP A 118 -20.36 -4.98 7.57
CA TRP A 118 -20.39 -4.32 6.26
C TRP A 118 -21.05 -2.94 6.33
N GLY A 119 -20.52 -1.99 5.55
CA GLY A 119 -21.14 -0.69 5.41
C GLY A 119 -22.33 -0.72 4.46
N GLN A 120 -22.94 0.45 4.26
CA GLN A 120 -24.06 0.60 3.34
C GLN A 120 -23.64 0.85 1.90
N GLY A 121 -22.41 1.24 1.68
CA GLY A 121 -21.95 1.42 0.32
C GLY A 121 -21.95 2.88 -0.09
N THR A 122 -21.00 3.23 -0.95
CA THR A 122 -20.99 4.55 -1.59
C THR A 122 -20.81 4.34 -3.10
N GLN A 123 -21.64 5.00 -3.92
CA GLN A 123 -21.62 4.79 -5.36
C GLN A 123 -20.52 5.59 -6.02
N VAL A 124 -19.71 4.93 -6.81
CA VAL A 124 -18.71 5.56 -7.67
C VAL A 124 -19.11 5.35 -9.11
N THR A 125 -19.16 6.42 -9.88
CA THR A 125 -19.42 6.28 -11.32
C THR A 125 -18.34 7.00 -12.07
N VAL A 126 -17.79 6.31 -13.06
CA VAL A 126 -16.67 6.82 -13.85
C VAL A 126 -17.17 6.83 -15.28
N SER A 127 -17.27 8.02 -15.88
CA SER A 127 -17.76 8.19 -17.25
C SER A 127 -16.63 7.95 -18.24
N SER B 2 24.31 -11.93 -15.69
CA SER B 2 23.73 -10.58 -15.69
C SER B 2 22.98 -10.27 -14.39
N GLU B 3 22.82 -8.97 -14.23
CA GLU B 3 22.31 -8.39 -13.01
C GLU B 3 21.32 -7.30 -13.39
N VAL B 4 20.26 -7.21 -12.60
CA VAL B 4 19.45 -6.01 -12.63
C VAL B 4 20.26 -4.87 -12.02
N GLN B 5 20.22 -3.71 -12.68
CA GLN B 5 20.82 -2.49 -12.14
C GLN B 5 19.73 -1.60 -11.56
N LEU B 6 19.95 -1.05 -10.37
CA LEU B 6 18.94 -0.27 -9.71
C LEU B 6 19.51 1.12 -9.44
N LEU B 7 18.73 2.17 -9.67
CA LEU B 7 19.15 3.58 -9.42
C LEU B 7 18.07 4.33 -8.61
N GLU B 8 18.32 4.60 -7.32
CA GLU B 8 17.35 5.35 -6.54
C GLU B 8 17.51 6.83 -6.77
N SER B 9 16.42 7.57 -6.65
CA SER B 9 16.37 9.01 -6.81
C SER B 9 15.34 9.60 -5.87
N GLY B 10 15.42 10.92 -5.70
CA GLY B 10 14.44 11.71 -5.00
C GLY B 10 14.89 12.23 -3.67
N GLY B 11 16.02 11.77 -3.16
CA GLY B 11 16.48 12.23 -1.87
C GLY B 11 16.85 13.70 -1.92
N GLY B 12 16.87 14.29 -0.74
CA GLY B 12 17.31 15.65 -0.57
C GLY B 12 17.02 16.09 0.87
N LEU B 13 17.06 17.39 1.07
CA LEU B 13 16.78 17.99 2.36
C LEU B 13 15.30 18.34 2.44
N VAL B 14 14.62 17.93 3.51
CA VAL B 14 13.23 18.31 3.75
C VAL B 14 13.06 18.70 5.21
N GLN B 15 11.90 19.28 5.51
CA GLN B 15 11.56 19.76 6.84
C GLN B 15 10.67 18.74 7.54
N ALA B 16 10.79 18.66 8.86
CA ALA B 16 9.90 17.79 9.64
C ALA B 16 8.44 18.05 9.25
N GLY B 17 7.68 16.97 9.06
CA GLY B 17 6.29 17.01 8.68
C GLY B 17 6.06 16.97 7.18
N ASP B 18 7.12 17.16 6.40
CA ASP B 18 6.99 17.16 4.96
C ASP B 18 6.76 15.74 4.43
N SER B 19 6.39 15.65 3.14
CA SER B 19 6.36 14.42 2.40
C SER B 19 7.46 14.44 1.36
N LEU B 20 7.88 13.24 0.95
CA LEU B 20 8.89 13.06 -0.10
C LEU B 20 8.62 11.73 -0.79
N ARG B 21 8.66 11.75 -2.13
CA ARG B 21 8.54 10.52 -2.87
C ARG B 21 9.88 10.11 -3.46
N LEU B 22 10.35 8.92 -3.06
CA LEU B 22 11.54 8.30 -3.63
C LEU B 22 11.14 7.39 -4.77
N SER B 23 12.08 7.15 -5.67
N SER B 23 12.04 7.26 -5.74
CA SER B 23 11.81 6.25 -6.78
CA SER B 23 11.88 6.35 -6.87
C SER B 23 13.07 5.50 -7.13
C SER B 23 13.09 5.43 -7.00
N CYS B 24 12.92 4.32 -7.71
CA CYS B 24 14.03 3.49 -8.09
C CYS B 24 13.74 2.98 -9.48
N ALA B 25 14.64 3.19 -10.43
CA ALA B 25 14.50 2.68 -11.76
C ALA B 25 15.42 1.50 -11.95
N ALA B 26 14.91 0.46 -12.59
CA ALA B 26 15.63 -0.76 -12.87
C ALA B 26 16.04 -0.74 -14.33
N SER B 27 17.21 -1.27 -14.59
CA SER B 27 17.61 -1.52 -15.95
C SER B 27 18.41 -2.80 -16.05
N GLY B 28 18.82 -3.10 -17.28
CA GLY B 28 19.58 -4.28 -17.47
C GLY B 28 18.67 -5.50 -17.64
N ARG B 29 17.76 -5.70 -16.67
CA ARG B 29 16.92 -6.88 -16.57
C ARG B 29 15.49 -6.48 -16.30
N THR B 30 14.58 -7.41 -16.59
CA THR B 30 13.14 -7.16 -16.54
C THR B 30 12.71 -6.98 -15.08
N PHE B 31 12.15 -5.80 -14.76
CA PHE B 31 11.82 -5.43 -13.37
C PHE B 31 10.69 -6.26 -12.82
N SER B 32 9.77 -6.74 -13.67
CA SER B 32 8.63 -7.51 -13.16
C SER B 32 9.08 -8.88 -12.72
N ALA B 33 10.31 -9.28 -13.08
CA ALA B 33 10.80 -10.55 -12.56
C ALA B 33 11.18 -10.52 -11.08
N TYR B 34 11.16 -9.35 -10.43
CA TYR B 34 11.69 -9.20 -9.07
C TYR B 34 10.64 -8.69 -8.07
N ALA B 35 10.63 -9.27 -6.86
CA ALA B 35 10.08 -8.60 -5.70
C ALA B 35 11.07 -7.54 -5.21
N MET B 36 10.55 -6.42 -4.68
CA MET B 36 11.39 -5.28 -4.32
C MET B 36 11.23 -4.93 -2.83
N GLY B 37 12.24 -4.31 -2.19
CA GLY B 37 12.20 -3.93 -0.79
C GLY B 37 12.92 -2.61 -0.68
N TRP B 38 12.51 -1.72 0.14
CA TRP B 38 13.28 -0.56 0.60
C TRP B 38 13.83 -0.79 1.98
N PHE B 39 15.04 -0.30 2.17
CA PHE B 39 15.81 -0.34 3.41
C PHE B 39 16.37 1.06 3.61
N ARG B 40 16.81 1.29 4.84
CA ARG B 40 17.38 2.60 5.15
C ARG B 40 18.45 2.47 6.22
N GLN B 41 19.46 3.37 6.15
CA GLN B 41 20.55 3.36 7.12
C GLN B 41 20.71 4.77 7.63
N ALA B 42 20.47 4.91 8.92
CA ALA B 42 20.61 6.18 9.61
C ALA B 42 22.09 6.41 9.94
N PRO B 43 22.45 7.65 10.27
CA PRO B 43 23.86 7.96 10.63
C PRO B 43 24.36 7.10 11.80
N GLY B 44 25.42 6.34 11.57
CA GLY B 44 26.05 5.56 12.62
C GLY B 44 25.32 4.29 13.02
N LYS B 45 24.33 3.87 12.24
CA LYS B 45 23.52 2.70 12.59
C LYS B 45 23.59 1.67 11.47
N GLU B 46 23.12 0.45 11.79
CA GLU B 46 23.01 -0.61 10.79
C GLU B 46 21.77 -0.40 9.91
N ARG B 47 21.88 -0.88 8.70
CA ARG B 47 20.74 -0.82 7.78
C ARG B 47 19.54 -1.55 8.36
N GLU B 48 18.35 -1.04 8.03
CA GLU B 48 17.11 -1.61 8.55
C GLU B 48 16.07 -1.61 7.44
N PHE B 49 15.12 -2.55 7.60
CA PHE B 49 14.00 -2.74 6.66
C PHE B 49 13.01 -1.58 6.78
N VAL B 50 12.45 -1.19 5.63
CA VAL B 50 11.39 -0.19 5.55
C VAL B 50 10.10 -0.82 4.99
N ALA B 51 10.15 -1.37 3.77
CA ALA B 51 8.91 -1.83 3.13
C ALA B 51 9.25 -2.82 2.04
N ALA B 52 8.25 -3.65 1.69
CA ALA B 52 8.45 -4.63 0.62
C ALA B 52 7.19 -4.79 -0.22
N ILE B 53 7.37 -5.15 -1.48
CA ILE B 53 6.28 -5.34 -2.42
C ILE B 53 6.57 -6.58 -3.24
N SER B 54 5.48 -7.33 -3.49
CA SER B 54 5.57 -8.52 -4.29
C SER B 54 5.82 -8.15 -5.76
N TRP B 55 6.22 -9.12 -6.51
CA TRP B 55 6.62 -8.82 -7.92
C TRP B 55 5.53 -8.05 -8.75
N SER B 56 4.26 -8.34 -8.52
CA SER B 56 3.19 -7.70 -9.31
C SER B 56 2.68 -6.45 -8.64
N GLY B 57 2.93 -6.32 -7.35
CA GLY B 57 2.39 -5.23 -6.64
C GLY B 57 1.10 -5.59 -5.94
N ASN B 58 0.73 -6.86 -5.92
CA ASN B 58 -0.51 -7.20 -5.19
C ASN B 58 -0.41 -7.32 -3.69
N SER B 59 0.80 -7.34 -3.08
CA SER B 59 0.95 -7.45 -1.63
C SER B 59 2.11 -6.55 -1.20
N THR B 60 1.89 -5.84 -0.12
CA THR B 60 2.93 -4.99 0.49
C THR B 60 3.05 -5.36 1.95
N TYR B 61 4.20 -4.97 2.54
CA TYR B 61 4.56 -5.21 3.93
C TYR B 61 5.40 -4.05 4.39
N TYR B 62 5.13 -3.59 5.61
CA TYR B 62 5.80 -2.43 6.16
C TYR B 62 6.41 -2.72 7.51
N ALA B 63 7.57 -2.09 7.78
CA ALA B 63 8.09 -2.11 9.13
C ALA B 63 7.18 -1.30 10.03
N ASP B 64 7.19 -1.66 11.35
CA ASP B 64 6.33 -0.96 12.28
C ASP B 64 6.70 0.51 12.43
N SER B 65 7.96 0.87 12.19
CA SER B 65 8.36 2.24 12.30
C SER B 65 7.84 3.17 11.18
N VAL B 66 7.30 2.62 10.09
CA VAL B 66 6.84 3.48 9.00
C VAL B 66 5.42 3.18 8.60
N LYS B 67 4.84 2.09 9.12
CA LYS B 67 3.51 1.72 8.64
C LYS B 67 2.53 2.86 8.94
N GLY B 68 1.62 3.09 8.00
CA GLY B 68 0.66 4.17 8.08
C GLY B 68 1.19 5.50 7.61
N ARG B 69 2.51 5.68 7.53
CA ARG B 69 3.10 6.92 7.03
C ARG B 69 3.70 6.76 5.64
N PHE B 70 4.22 5.58 5.33
CA PHE B 70 4.91 5.33 4.06
C PHE B 70 4.06 4.39 3.23
N THR B 71 4.14 4.53 1.91
CA THR B 71 3.47 3.66 0.98
C THR B 71 4.46 3.21 -0.09
N ILE B 72 4.60 1.92 -0.31
CA ILE B 72 5.42 1.37 -1.40
C ILE B 72 4.49 0.98 -2.52
N SER B 73 4.88 1.24 -3.77
CA SER B 73 4.08 0.85 -4.94
C SER B 73 5.03 0.62 -6.08
N ARG B 74 4.53 0.06 -7.18
CA ARG B 74 5.40 -0.12 -8.31
C ARG B 74 4.56 0.04 -9.56
N ASP B 75 5.30 0.40 -10.62
CA ASP B 75 4.73 0.49 -11.98
C ASP B 75 5.72 -0.25 -12.90
N ASN B 76 5.47 -1.53 -13.10
CA ASN B 76 6.33 -2.37 -13.92
C ASN B 76 6.43 -1.86 -15.37
N ALA B 77 5.35 -1.28 -15.91
CA ALA B 77 5.38 -0.70 -17.27
C ALA B 77 6.30 0.49 -17.32
N LYS B 78 6.69 1.08 -16.20
CA LYS B 78 7.84 2.02 -16.17
C LYS B 78 9.09 1.59 -15.38
N ASN B 79 9.25 0.32 -15.05
CA ASN B 79 10.46 -0.19 -14.41
C ASN B 79 10.74 0.53 -13.11
N THR B 80 9.71 1.07 -12.48
CA THR B 80 9.91 1.95 -11.33
C THR B 80 9.20 1.39 -10.12
N VAL B 81 9.81 1.48 -8.96
CA VAL B 81 9.19 1.26 -7.68
C VAL B 81 9.31 2.56 -6.89
N TYR B 82 8.32 2.92 -6.11
CA TYR B 82 8.22 4.18 -5.42
C TYR B 82 8.11 3.92 -3.92
N LEU B 83 8.61 4.89 -3.18
CA LEU B 83 8.35 4.92 -1.73
C LEU B 83 7.81 6.33 -1.40
N GLN B 84 6.52 6.45 -1.10
CA GLN B 84 5.94 7.72 -0.70
C GLN B 84 6.07 7.82 0.84
N MET B 85 6.76 8.85 1.30
CA MET B 85 7.02 9.06 2.73
C MET B 85 6.24 10.28 3.18
N ASN B 86 5.30 10.08 4.09
CA ASN B 86 4.57 11.20 4.67
C ASN B 86 4.94 11.41 6.14
N SER B 87 4.66 12.61 6.64
CA SER B 87 4.84 12.94 8.04
C SER B 87 6.27 12.66 8.50
N LEU B 88 7.26 13.11 7.73
CA LEU B 88 8.65 12.80 8.03
C LEU B 88 9.07 13.42 9.37
N LYS B 89 10.02 12.77 10.05
CA LYS B 89 10.61 13.23 11.30
C LYS B 89 12.14 13.21 11.18
N PRO B 90 12.86 13.95 12.06
CA PRO B 90 14.33 13.84 12.02
C PRO B 90 14.89 12.42 12.06
N GLU B 91 14.24 11.53 12.82
CA GLU B 91 14.61 10.11 12.93
C GLU B 91 14.50 9.34 11.62
N ASP B 92 13.88 9.90 10.59
CA ASP B 92 13.81 9.26 9.29
C ASP B 92 15.00 9.60 8.41
N THR B 93 15.90 10.47 8.88
CA THR B 93 17.12 10.78 8.18
C THR B 93 17.92 9.53 7.95
N ALA B 94 18.29 9.29 6.68
CA ALA B 94 18.97 8.06 6.33
C ALA B 94 19.32 8.11 4.85
N ILE B 95 20.17 7.17 4.45
CA ILE B 95 20.28 6.77 3.04
C ILE B 95 19.29 5.65 2.84
N TYR B 96 18.51 5.79 1.78
CA TYR B 96 17.41 4.89 1.48
C TYR B 96 17.86 4.05 0.29
N TYR B 97 17.79 2.71 0.37
CA TYR B 97 18.19 1.79 -0.66
C TYR B 97 17.00 0.96 -1.13
N CYS B 98 16.99 0.68 -2.38
CA CYS B 98 16.01 -0.24 -3.05
C CYS B 98 16.76 -1.53 -3.35
N ALA B 99 16.13 -2.70 -3.16
CA ALA B 99 16.74 -3.98 -3.36
C ALA B 99 15.73 -4.87 -4.07
N ALA B 100 16.27 -5.83 -4.82
CA ALA B 100 15.51 -6.77 -5.62
C ALA B 100 15.83 -8.22 -5.24
N ARG B 101 14.81 -9.07 -5.30
CA ARG B 101 15.03 -10.49 -5.10
C ARG B 101 14.08 -11.26 -6.01
N LYS B 102 14.53 -12.48 -6.39
CA LYS B 102 13.68 -13.38 -7.14
C LYS B 102 12.55 -13.92 -6.27
N PRO B 103 11.31 -13.93 -6.78
CA PRO B 103 10.17 -14.43 -6.00
C PRO B 103 10.17 -15.93 -5.75
N MET B 104 11.14 -16.67 -6.32
CA MET B 104 11.19 -18.14 -6.23
C MET B 104 11.02 -18.65 -4.80
N TYR B 105 11.57 -17.94 -3.84
CA TYR B 105 11.71 -18.44 -2.49
C TYR B 105 10.87 -17.61 -1.54
N ARG B 106 10.08 -18.29 -0.71
CA ARG B 106 9.25 -17.63 0.29
C ARG B 106 10.14 -17.39 1.50
N VAL B 107 10.48 -16.12 1.77
CA VAL B 107 11.54 -15.77 2.69
C VAL B 107 11.02 -14.76 3.70
N ASP B 108 11.90 -14.41 4.64
CA ASP B 108 11.65 -13.28 5.53
C ASP B 108 11.97 -12.03 4.72
N ILE B 109 10.93 -11.42 4.14
CA ILE B 109 11.10 -10.28 3.24
C ILE B 109 11.63 -9.02 3.95
N SER B 110 11.69 -9.04 5.30
CA SER B 110 12.28 -7.96 6.06
C SER B 110 13.81 -8.06 6.26
N LYS B 111 14.49 -9.09 5.75
CA LYS B 111 15.91 -9.31 6.01
C LYS B 111 16.70 -8.99 4.74
N GLY B 112 17.61 -8.05 4.82
CA GLY B 112 18.35 -7.69 3.64
C GLY B 112 19.09 -8.87 3.04
N GLN B 113 19.49 -9.85 3.86
CA GLN B 113 20.23 -11.00 3.34
C GLN B 113 19.41 -11.80 2.33
N ASN B 114 18.10 -11.60 2.29
CA ASN B 114 17.29 -12.34 1.34
C ASN B 114 17.13 -11.63 0.02
N TYR B 115 17.81 -10.49 -0.16
CA TYR B 115 17.78 -9.73 -1.40
C TYR B 115 19.11 -9.87 -2.11
N ASP B 116 19.05 -9.91 -3.45
CA ASP B 116 20.17 -10.29 -4.28
C ASP B 116 20.82 -9.11 -4.97
N TYR B 117 20.08 -8.01 -5.20
CA TYR B 117 20.64 -6.88 -5.93
C TYR B 117 20.20 -5.59 -5.27
N TRP B 118 21.13 -4.57 -5.23
CA TRP B 118 20.93 -3.37 -4.48
C TRP B 118 21.22 -2.14 -5.33
N GLY B 119 20.51 -1.06 -5.07
CA GLY B 119 20.86 0.21 -5.63
C GLY B 119 21.98 0.88 -4.86
N GLN B 120 22.31 2.10 -5.29
CA GLN B 120 23.42 2.83 -4.66
C GLN B 120 22.98 3.65 -3.45
N GLY B 121 21.68 3.85 -3.28
CA GLY B 121 21.21 4.69 -2.21
C GLY B 121 20.91 6.12 -2.55
N THR B 122 19.85 6.71 -2.02
CA THR B 122 19.55 8.14 -2.12
C THR B 122 19.45 8.69 -0.68
N GLN B 123 20.13 9.80 -0.41
CA GLN B 123 20.15 10.33 0.94
C GLN B 123 19.04 11.31 1.23
N VAL B 124 18.37 11.11 2.39
CA VAL B 124 17.28 11.96 2.79
C VAL B 124 17.61 12.53 4.16
N THR B 125 17.52 13.83 4.27
CA THR B 125 17.86 14.54 5.50
C THR B 125 16.65 15.32 5.94
N VAL B 126 16.14 15.01 7.14
CA VAL B 126 14.95 15.65 7.66
C VAL B 126 15.39 16.54 8.80
N SER B 127 15.23 17.85 8.64
CA SER B 127 15.64 18.80 9.70
C SER B 127 14.52 19.13 10.70
#